data_9KFQ
#
_entry.id   9KFQ
#
_entity_poly.entity_id   1
_entity_poly.type   'polypeptide(L)'
_entity_poly.pdbx_seq_one_letter_code
;CKPKGAPCSPLMYPCCTGPCTFKENENGNTVKRC
;
_entity_poly.pdbx_strand_id   A
#
# COMPACT_ATOMS: atom_id res chain seq x y z
N CYS A 1 -5.17 10.42 -1.23
CA CYS A 1 -4.90 9.14 -0.55
C CYS A 1 -4.83 8.02 -1.57
N LYS A 2 -4.18 6.93 -1.20
CA LYS A 2 -4.19 5.74 -2.00
C LYS A 2 -5.33 4.82 -1.60
N PRO A 3 -6.20 4.46 -2.55
CA PRO A 3 -7.21 3.44 -2.33
C PRO A 3 -6.61 2.05 -2.47
N LYS A 4 -7.30 1.05 -1.90
CA LYS A 4 -6.83 -0.33 -2.00
C LYS A 4 -6.73 -0.73 -3.47
N GLY A 5 -5.61 -1.35 -3.83
CA GLY A 5 -5.38 -1.73 -5.22
C GLY A 5 -4.39 -0.79 -5.85
N ALA A 6 -4.17 0.29 -5.16
CA ALA A 6 -3.25 1.33 -5.59
C ALA A 6 -1.97 1.29 -4.75
N PRO A 7 -0.81 1.65 -5.32
CA PRO A 7 0.49 1.51 -4.63
C PRO A 7 0.71 2.57 -3.56
N CYS A 8 0.77 2.14 -2.31
CA CYS A 8 1.10 3.04 -1.21
C CYS A 8 2.56 2.88 -0.82
N SER A 9 3.01 3.80 0.01
CA SER A 9 4.35 3.78 0.55
C SER A 9 4.27 3.81 2.07
N PRO A 10 5.20 3.20 2.79
CA PRO A 10 5.10 3.02 4.25
C PRO A 10 4.84 4.33 4.99
N LEU A 11 5.64 5.35 4.69
CA LEU A 11 5.56 6.60 5.42
C LEU A 11 4.76 7.67 4.68
N MET A 12 5.12 7.95 3.44
CA MET A 12 4.68 9.18 2.78
C MET A 12 3.48 9.02 1.84
N TYR A 13 2.77 7.90 1.92
CA TYR A 13 1.56 7.72 1.11
C TYR A 13 0.43 7.10 1.92
N PRO A 14 -0.33 7.93 2.64
CA PRO A 14 -1.49 7.47 3.42
C PRO A 14 -2.56 6.82 2.54
N CYS A 15 -3.09 5.71 3.02
CA CYS A 15 -4.11 4.97 2.31
C CYS A 15 -5.50 5.33 2.81
N CYS A 16 -6.47 5.23 1.91
CA CYS A 16 -7.88 5.41 2.27
C CYS A 16 -8.49 4.07 2.65
N THR A 17 -7.63 3.08 2.68
CA THR A 17 -7.95 1.80 3.28
C THR A 17 -7.25 1.75 4.65
N GLY A 18 -7.36 0.63 5.36
CA GLY A 18 -6.81 0.55 6.71
C GLY A 18 -5.32 0.82 6.78
N PRO A 19 -4.49 -0.23 6.89
CA PRO A 19 -3.05 -0.07 6.86
C PRO A 19 -2.53 -0.10 5.44
N CYS A 20 -1.39 0.54 5.21
CA CYS A 20 -0.72 0.49 3.93
C CYS A 20 -0.06 -0.88 3.78
N THR A 21 -0.77 -1.80 3.15
CA THR A 21 -0.33 -3.16 3.03
C THR A 21 0.33 -3.43 1.68
N PHE A 22 1.16 -4.46 1.66
CA PHE A 22 1.87 -4.92 0.48
C PHE A 22 2.40 -3.78 -0.38
N LYS A 23 2.87 -2.71 0.27
CA LYS A 23 3.39 -1.53 -0.43
C LYS A 23 4.66 -1.86 -1.18
N GLU A 24 5.49 -2.63 -0.52
CA GLU A 24 6.79 -3.01 -1.07
C GLU A 24 6.75 -4.48 -1.47
N ASN A 25 7.11 -4.73 -2.72
CA ASN A 25 7.06 -6.07 -3.29
C ASN A 25 8.07 -6.99 -2.59
N GLU A 26 9.07 -6.39 -1.98
CA GLU A 26 10.12 -7.13 -1.30
C GLU A 26 9.60 -7.74 0.01
N ASN A 27 8.44 -7.27 0.46
CA ASN A 27 7.83 -7.79 1.68
C ASN A 27 7.01 -9.03 1.36
N GLY A 28 6.94 -9.35 0.07
CA GLY A 28 6.17 -10.48 -0.40
C GLY A 28 5.75 -10.29 -1.84
N ASN A 29 4.76 -9.44 -2.04
CA ASN A 29 4.31 -9.09 -3.38
C ASN A 29 3.38 -7.89 -3.28
N THR A 30 3.27 -7.16 -4.38
CA THR A 30 2.40 -6.00 -4.43
C THR A 30 1.03 -6.39 -4.95
N VAL A 31 0.22 -6.89 -4.06
CA VAL A 31 -1.09 -7.42 -4.40
C VAL A 31 -2.11 -6.30 -4.46
N LYS A 32 -2.51 -5.82 -3.29
CA LYS A 32 -3.39 -4.69 -3.21
C LYS A 32 -2.58 -3.44 -2.99
N ARG A 33 -1.37 -3.66 -2.47
CA ARG A 33 -0.35 -2.62 -2.27
C ARG A 33 -0.92 -1.35 -1.63
N CYS A 34 -1.98 -1.54 -0.84
CA CYS A 34 -2.61 -0.50 -0.05
C CYS A 34 -3.62 -1.18 0.84
N CYS A 1 -5.78 10.34 -0.45
CA CYS A 1 -5.25 9.02 -0.08
C CYS A 1 -5.31 8.07 -1.27
N LYS A 2 -4.41 7.10 -1.30
CA LYS A 2 -4.39 6.10 -2.37
C LYS A 2 -5.63 5.22 -2.27
N PRO A 3 -6.31 4.99 -3.40
CA PRO A 3 -7.50 4.11 -3.45
C PRO A 3 -7.20 2.67 -3.04
N LYS A 4 -8.25 1.90 -2.84
CA LYS A 4 -8.13 0.49 -2.50
C LYS A 4 -7.52 -0.29 -3.66
N GLY A 5 -6.40 -0.95 -3.41
CA GLY A 5 -5.76 -1.73 -4.46
C GLY A 5 -4.73 -0.90 -5.18
N ALA A 6 -4.44 0.26 -4.63
CA ALA A 6 -3.54 1.21 -5.27
C ALA A 6 -2.20 1.24 -4.56
N PRO A 7 -1.10 1.43 -5.30
CA PRO A 7 0.25 1.42 -4.73
C PRO A 7 0.51 2.56 -3.76
N CYS A 8 0.69 2.22 -2.49
CA CYS A 8 1.10 3.18 -1.49
C CYS A 8 2.55 2.92 -1.11
N SER A 9 3.06 3.75 -0.24
CA SER A 9 4.42 3.62 0.27
C SER A 9 4.34 3.52 1.78
N PRO A 10 5.24 2.76 2.41
CA PRO A 10 5.17 2.47 3.85
C PRO A 10 4.94 3.72 4.70
N LEU A 11 5.76 4.74 4.49
CA LEU A 11 5.69 5.94 5.29
C LEU A 11 4.96 7.09 4.59
N MET A 12 5.39 7.42 3.39
CA MET A 12 5.03 8.72 2.78
C MET A 12 3.81 8.65 1.85
N TYR A 13 3.01 7.60 1.93
CA TYR A 13 1.81 7.52 1.11
C TYR A 13 0.63 6.94 1.88
N PRO A 14 -0.14 7.81 2.57
CA PRO A 14 -1.37 7.41 3.25
C PRO A 14 -2.42 6.88 2.28
N CYS A 15 -2.97 5.72 2.60
CA CYS A 15 -3.95 5.09 1.73
C CYS A 15 -5.36 5.30 2.29
N CYS A 16 -6.36 5.17 1.42
CA CYS A 16 -7.77 5.25 1.80
C CYS A 16 -8.18 3.94 2.47
N THR A 17 -7.20 3.08 2.58
CA THR A 17 -7.33 1.79 3.21
C THR A 17 -6.70 1.86 4.59
N GLY A 18 -7.30 1.17 5.56
CA GLY A 18 -6.82 1.25 6.94
C GLY A 18 -5.32 1.12 7.05
N PRO A 19 -4.79 -0.11 6.96
CA PRO A 19 -3.35 -0.32 6.88
C PRO A 19 -2.84 -0.22 5.45
N CYS A 20 -1.54 -0.22 5.30
CA CYS A 20 -0.93 -0.26 3.99
C CYS A 20 -0.18 -1.59 3.82
N THR A 21 -0.89 -2.59 3.36
CA THR A 21 -0.32 -3.92 3.18
C THR A 21 0.10 -4.17 1.74
N PHE A 22 1.18 -4.92 1.59
CA PHE A 22 1.74 -5.28 0.31
C PHE A 22 2.08 -4.04 -0.52
N LYS A 23 2.55 -3.00 0.17
CA LYS A 23 2.93 -1.74 -0.47
C LYS A 23 4.33 -1.80 -1.06
N GLU A 24 5.13 -2.67 -0.49
CA GLU A 24 6.53 -2.76 -0.85
C GLU A 24 6.95 -4.19 -1.17
N ASN A 25 7.57 -4.35 -2.32
CA ASN A 25 8.08 -5.64 -2.79
C ASN A 25 9.34 -6.01 -2.03
N GLU A 26 10.05 -5.00 -1.54
CA GLU A 26 11.22 -5.22 -0.71
C GLU A 26 10.82 -5.95 0.59
N ASN A 27 9.63 -5.63 1.08
CA ASN A 27 9.14 -6.26 2.30
C ASN A 27 8.51 -7.61 1.97
N GLY A 28 7.73 -7.64 0.89
CA GLY A 28 7.09 -8.86 0.47
C GLY A 28 6.77 -8.85 -1.01
N ASN A 29 5.55 -8.46 -1.34
CA ASN A 29 5.13 -8.34 -2.73
C ASN A 29 4.18 -7.16 -2.88
N THR A 30 4.03 -6.70 -4.11
CA THR A 30 3.13 -5.63 -4.43
C THR A 30 1.86 -6.17 -5.08
N VAL A 31 0.80 -6.22 -4.30
CA VAL A 31 -0.46 -6.79 -4.77
C VAL A 31 -1.57 -5.76 -4.76
N LYS A 32 -1.90 -5.32 -3.56
CA LYS A 32 -2.95 -4.35 -3.38
C LYS A 32 -2.34 -3.06 -2.89
N ARG A 33 -1.24 -3.22 -2.15
CA ARG A 33 -0.47 -2.08 -1.65
C ARG A 33 -1.26 -1.26 -0.65
N CYS A 34 -2.38 -1.81 -0.19
CA CYS A 34 -3.23 -1.18 0.79
C CYS A 34 -3.94 -2.27 1.56
N CYS A 1 -6.16 10.17 -0.04
CA CYS A 1 -5.57 8.85 0.21
C CYS A 1 -5.58 8.01 -1.07
N LYS A 2 -4.60 7.11 -1.19
CA LYS A 2 -4.54 6.20 -2.31
C LYS A 2 -5.74 5.25 -2.32
N PRO A 3 -6.35 5.04 -3.49
CA PRO A 3 -7.49 4.12 -3.64
C PRO A 3 -7.11 2.67 -3.37
N LYS A 4 -8.10 1.80 -3.38
CA LYS A 4 -7.89 0.37 -3.18
C LYS A 4 -7.16 -0.25 -4.37
N GLY A 5 -6.23 -1.15 -4.08
CA GLY A 5 -5.49 -1.80 -5.14
C GLY A 5 -4.42 -0.90 -5.70
N ALA A 6 -4.21 0.20 -5.01
CA ALA A 6 -3.32 1.26 -5.51
C ALA A 6 -2.00 1.27 -4.75
N PRO A 7 -0.91 1.70 -5.43
CA PRO A 7 0.43 1.75 -4.82
C PRO A 7 0.50 2.70 -3.63
N CYS A 8 0.80 2.15 -2.47
CA CYS A 8 0.97 2.94 -1.27
C CYS A 8 2.26 2.59 -0.55
N SER A 9 2.69 3.55 0.22
CA SER A 9 3.82 3.44 1.13
C SER A 9 3.34 3.91 2.51
N PRO A 10 3.66 3.17 3.58
CA PRO A 10 3.06 3.38 4.90
C PRO A 10 3.09 4.83 5.38
N LEU A 11 4.24 5.47 5.26
CA LEU A 11 4.43 6.81 5.79
C LEU A 11 4.24 7.88 4.72
N MET A 12 4.91 7.71 3.58
CA MET A 12 4.99 8.77 2.58
C MET A 12 3.84 8.76 1.58
N TYR A 13 3.06 7.67 1.52
CA TYR A 13 1.92 7.63 0.60
C TYR A 13 0.71 7.02 1.29
N PRO A 14 0.07 7.77 2.21
CA PRO A 14 -1.07 7.27 2.97
C PRO A 14 -2.21 6.78 2.09
N CYS A 15 -2.69 5.58 2.38
CA CYS A 15 -3.75 4.98 1.60
C CYS A 15 -5.10 5.19 2.26
N CYS A 16 -6.16 4.90 1.51
CA CYS A 16 -7.53 5.01 2.02
C CYS A 16 -7.85 3.85 2.96
N THR A 17 -6.89 2.96 3.12
CA THR A 17 -7.05 1.84 4.02
C THR A 17 -6.23 2.08 5.28
N GLY A 18 -6.58 1.38 6.35
CA GLY A 18 -5.93 1.59 7.63
C GLY A 18 -4.45 1.27 7.57
N PRO A 19 -4.07 0.00 7.74
CA PRO A 19 -2.70 -0.43 7.56
C PRO A 19 -2.40 -0.66 6.08
N CYS A 20 -1.31 -0.10 5.60
CA CYS A 20 -0.94 -0.23 4.21
C CYS A 20 -0.23 -1.56 4.00
N THR A 21 -0.94 -2.49 3.39
CA THR A 21 -0.42 -3.83 3.19
C THR A 21 0.13 -4.03 1.80
N PHE A 22 1.10 -4.93 1.70
CA PHE A 22 1.76 -5.25 0.46
C PHE A 22 2.24 -4.00 -0.27
N LYS A 23 2.72 -3.04 0.51
CA LYS A 23 3.26 -1.79 -0.03
C LYS A 23 4.68 -1.99 -0.53
N GLU A 24 5.31 -3.00 0.01
CA GLU A 24 6.68 -3.34 -0.34
C GLU A 24 6.71 -4.62 -1.16
N ASN A 25 7.37 -4.55 -2.31
CA ASN A 25 7.49 -5.70 -3.21
C ASN A 25 8.45 -6.72 -2.64
N GLU A 26 9.48 -6.24 -1.94
CA GLU A 26 10.49 -7.12 -1.36
C GLU A 26 9.90 -7.96 -0.23
N ASN A 27 8.84 -7.47 0.38
CA ASN A 27 8.22 -8.16 1.51
C ASN A 27 7.51 -9.41 1.04
N GLY A 28 6.65 -9.26 0.03
CA GLY A 28 5.91 -10.38 -0.49
C GLY A 28 5.11 -9.98 -1.71
N ASN A 29 5.77 -9.33 -2.66
CA ASN A 29 5.16 -8.81 -3.87
C ASN A 29 4.17 -7.68 -3.59
N THR A 30 3.96 -6.85 -4.59
CA THR A 30 3.08 -5.71 -4.50
C THR A 30 1.77 -6.00 -5.23
N VAL A 31 0.76 -6.31 -4.45
CA VAL A 31 -0.51 -6.78 -5.01
C VAL A 31 -1.57 -5.70 -4.93
N LYS A 32 -1.98 -5.38 -3.73
CA LYS A 32 -3.00 -4.42 -3.49
C LYS A 32 -2.37 -3.13 -3.03
N ARG A 33 -1.24 -3.30 -2.33
CA ARG A 33 -0.42 -2.16 -1.92
C ARG A 33 -1.19 -1.24 -0.98
N CYS A 34 -2.26 -1.78 -0.41
CA CYS A 34 -3.14 -1.08 0.50
C CYS A 34 -3.86 -2.10 1.36
N CYS A 1 -5.57 10.49 -0.26
CA CYS A 1 -5.15 9.09 -0.03
C CYS A 1 -5.01 8.37 -1.35
N LYS A 2 -4.34 7.22 -1.32
CA LYS A 2 -4.34 6.32 -2.45
C LYS A 2 -5.55 5.40 -2.36
N PRO A 3 -6.19 5.10 -3.50
CA PRO A 3 -7.36 4.20 -3.56
C PRO A 3 -6.99 2.76 -3.22
N LYS A 4 -8.01 1.94 -3.02
CA LYS A 4 -7.81 0.53 -2.72
C LYS A 4 -7.36 -0.21 -3.97
N GLY A 5 -6.39 -1.09 -3.80
CA GLY A 5 -5.80 -1.78 -4.93
C GLY A 5 -4.72 -0.94 -5.58
N ALA A 6 -4.44 0.20 -4.98
CA ALA A 6 -3.47 1.14 -5.52
C ALA A 6 -2.23 1.17 -4.63
N PRO A 7 -1.05 1.51 -5.20
CA PRO A 7 0.22 1.44 -4.48
C PRO A 7 0.39 2.55 -3.44
N CYS A 8 0.54 2.16 -2.19
CA CYS A 8 0.85 3.10 -1.14
C CYS A 8 2.30 2.96 -0.71
N SER A 9 2.74 3.88 0.12
CA SER A 9 4.07 3.86 0.69
C SER A 9 3.93 3.93 2.21
N PRO A 10 4.71 3.15 2.95
CA PRO A 10 4.55 3.00 4.40
C PRO A 10 4.37 4.32 5.13
N LEU A 11 5.28 5.25 4.88
CA LEU A 11 5.24 6.54 5.54
C LEU A 11 4.63 7.64 4.67
N MET A 12 5.15 7.81 3.45
CA MET A 12 4.87 9.02 2.68
C MET A 12 3.61 8.92 1.81
N TYR A 13 2.91 7.78 1.82
CA TYR A 13 1.65 7.68 1.09
C TYR A 13 0.57 6.97 1.90
N PRO A 14 -0.15 7.71 2.75
CA PRO A 14 -1.31 7.17 3.47
C PRO A 14 -2.40 6.70 2.51
N CYS A 15 -2.88 5.49 2.72
CA CYS A 15 -3.89 4.92 1.85
C CYS A 15 -5.26 5.01 2.53
N CYS A 16 -6.31 4.95 1.74
CA CYS A 16 -7.68 4.97 2.28
C CYS A 16 -8.08 3.61 2.81
N THR A 17 -7.08 2.76 2.82
CA THR A 17 -7.18 1.45 3.44
C THR A 17 -6.45 1.51 4.78
N GLY A 18 -6.99 0.81 5.79
CA GLY A 18 -6.48 0.88 7.15
C GLY A 18 -4.96 0.87 7.22
N PRO A 19 -4.33 -0.28 6.99
CA PRO A 19 -2.88 -0.36 6.89
C PRO A 19 -2.40 0.03 5.51
N CYS A 20 -1.10 0.18 5.38
CA CYS A 20 -0.48 0.37 4.08
C CYS A 20 0.39 -0.85 3.81
N THR A 21 -0.23 -1.88 3.27
CA THR A 21 0.43 -3.16 3.13
C THR A 21 0.52 -3.57 1.66
N PHE A 22 1.17 -4.70 1.46
CA PHE A 22 1.63 -5.15 0.16
C PHE A 22 2.17 -4.01 -0.73
N LYS A 23 2.64 -2.94 -0.10
CA LYS A 23 3.09 -1.74 -0.82
C LYS A 23 4.46 -1.93 -1.44
N GLU A 24 5.20 -2.84 -0.87
CA GLU A 24 6.55 -3.15 -1.30
C GLU A 24 6.79 -4.66 -1.26
N ASN A 25 7.43 -5.17 -2.32
CA ASN A 25 7.72 -6.61 -2.43
C ASN A 25 8.67 -7.08 -1.34
N GLU A 26 9.47 -6.16 -0.83
CA GLU A 26 10.37 -6.47 0.29
C GLU A 26 9.57 -6.85 1.53
N ASN A 27 8.33 -6.36 1.60
CA ASN A 27 7.44 -6.64 2.72
C ASN A 27 6.55 -7.83 2.40
N GLY A 28 6.87 -8.53 1.32
CA GLY A 28 6.08 -9.67 0.90
C GLY A 28 5.90 -9.71 -0.60
N ASN A 29 4.95 -8.93 -1.09
CA ASN A 29 4.65 -8.89 -2.52
C ASN A 29 3.75 -7.69 -2.79
N THR A 30 3.70 -7.25 -4.03
CA THR A 30 2.83 -6.17 -4.43
C THR A 30 1.55 -6.72 -5.05
N VAL A 31 0.49 -6.65 -4.27
CA VAL A 31 -0.81 -7.14 -4.74
C VAL A 31 -1.82 -6.00 -4.73
N LYS A 32 -2.49 -5.81 -3.61
CA LYS A 32 -3.40 -4.72 -3.45
C LYS A 32 -2.63 -3.48 -3.14
N ARG A 33 -1.45 -3.71 -2.57
CA ARG A 33 -0.45 -2.68 -2.31
C ARG A 33 -1.03 -1.44 -1.65
N CYS A 34 -2.08 -1.67 -0.83
CA CYS A 34 -2.75 -0.64 -0.07
C CYS A 34 -3.31 -1.31 1.17
N CYS A 1 -5.80 10.11 -0.97
CA CYS A 1 -5.19 8.85 -0.50
C CYS A 1 -5.18 7.82 -1.62
N LYS A 2 -4.29 6.83 -1.50
CA LYS A 2 -4.20 5.74 -2.47
C LYS A 2 -5.42 4.82 -2.36
N PRO A 3 -6.09 4.56 -3.49
CA PRO A 3 -7.22 3.64 -3.58
C PRO A 3 -6.81 2.18 -3.37
N LYS A 4 -7.78 1.28 -3.36
CA LYS A 4 -7.49 -0.13 -3.24
C LYS A 4 -6.73 -0.64 -4.47
N GLY A 5 -5.83 -1.58 -4.24
CA GLY A 5 -4.98 -2.07 -5.31
C GLY A 5 -3.85 -1.11 -5.62
N ALA A 6 -3.72 -0.11 -4.78
CA ALA A 6 -2.73 0.95 -4.99
C ALA A 6 -1.62 0.87 -3.95
N PRO A 7 -0.37 1.11 -4.32
CA PRO A 7 0.77 0.93 -3.43
C PRO A 7 1.03 2.14 -2.53
N CYS A 8 1.03 1.91 -1.22
CA CYS A 8 1.30 2.98 -0.28
C CYS A 8 2.60 2.79 0.47
N SER A 9 3.36 3.85 0.50
CA SER A 9 4.49 3.96 1.40
C SER A 9 3.97 4.45 2.75
N PRO A 10 4.11 3.63 3.80
CA PRO A 10 3.49 3.88 5.11
C PRO A 10 3.85 5.24 5.73
N LEU A 11 4.94 5.84 5.27
CA LEU A 11 5.39 7.10 5.82
C LEU A 11 4.80 8.30 5.07
N MET A 12 4.99 8.35 3.76
CA MET A 12 4.62 9.53 2.98
C MET A 12 3.50 9.26 1.97
N TYR A 13 2.88 8.10 2.06
CA TYR A 13 1.76 7.76 1.17
C TYR A 13 0.57 7.26 1.96
N PRO A 14 -0.28 8.17 2.43
CA PRO A 14 -1.55 7.82 3.08
C PRO A 14 -2.47 7.06 2.13
N CYS A 15 -2.99 5.93 2.59
CA CYS A 15 -3.86 5.10 1.76
C CYS A 15 -5.31 5.29 2.21
N CYS A 16 -6.23 5.01 1.30
CA CYS A 16 -7.66 5.12 1.58
C CYS A 16 -8.13 3.89 2.37
N THR A 17 -7.19 3.01 2.60
CA THR A 17 -7.40 1.76 3.29
C THR A 17 -6.84 1.87 4.72
N GLY A 18 -7.43 1.13 5.65
CA GLY A 18 -7.03 1.22 7.05
C GLY A 18 -5.53 1.12 7.25
N PRO A 19 -4.98 -0.09 7.18
CA PRO A 19 -3.53 -0.30 7.23
C PRO A 19 -2.86 0.04 5.91
N CYS A 20 -1.54 0.06 5.92
CA CYS A 20 -0.77 0.25 4.71
C CYS A 20 0.08 -0.99 4.47
N THR A 21 -0.30 -1.78 3.49
CA THR A 21 0.30 -3.08 3.28
C THR A 21 1.38 -3.06 2.22
N PHE A 22 1.86 -4.26 1.91
CA PHE A 22 2.93 -4.52 0.95
C PHE A 22 2.84 -3.60 -0.26
N LYS A 23 3.67 -2.57 -0.28
CA LYS A 23 3.60 -1.56 -1.34
C LYS A 23 4.23 -2.06 -2.62
N GLU A 24 5.46 -2.51 -2.54
CA GLU A 24 6.18 -3.05 -3.68
C GLU A 24 7.45 -3.73 -3.25
N ASN A 25 7.31 -4.58 -2.28
CA ASN A 25 8.43 -5.34 -1.74
C ASN A 25 8.65 -6.61 -2.57
N GLU A 26 7.61 -7.42 -2.69
CA GLU A 26 7.70 -8.69 -3.38
C GLU A 26 7.39 -8.55 -4.86
N ASN A 27 6.66 -7.49 -5.22
CA ASN A 27 6.20 -7.25 -6.59
C ASN A 27 5.08 -8.21 -6.99
N GLY A 28 5.24 -9.49 -6.68
CA GLY A 28 4.21 -10.46 -6.96
C GLY A 28 3.20 -10.55 -5.84
N ASN A 29 3.66 -10.46 -4.60
CA ASN A 29 2.78 -10.56 -3.43
C ASN A 29 2.23 -9.21 -3.05
N THR A 30 2.50 -8.22 -3.88
CA THR A 30 1.94 -6.90 -3.72
C THR A 30 0.67 -6.77 -4.55
N VAL A 31 -0.40 -7.26 -3.95
CA VAL A 31 -1.68 -7.39 -4.64
C VAL A 31 -2.53 -6.16 -4.42
N LYS A 32 -2.99 -6.01 -3.19
CA LYS A 32 -3.80 -4.89 -2.82
C LYS A 32 -2.93 -3.70 -2.55
N ARG A 33 -1.73 -4.03 -2.06
CA ARG A 33 -0.65 -3.08 -1.80
C ARG A 33 -1.11 -1.80 -1.09
N CYS A 34 -2.24 -1.88 -0.39
CA CYS A 34 -2.83 -0.77 0.32
C CYS A 34 -3.46 -1.34 1.57
N CYS A 1 -5.97 10.49 -0.56
CA CYS A 1 -5.46 9.15 -0.18
C CYS A 1 -5.24 8.31 -1.42
N LYS A 2 -4.46 7.26 -1.27
CA LYS A 2 -4.37 6.25 -2.30
C LYS A 2 -5.52 5.26 -2.15
N PRO A 3 -6.29 5.02 -3.22
CA PRO A 3 -7.44 4.11 -3.19
C PRO A 3 -7.04 2.64 -3.11
N LYS A 4 -8.04 1.79 -2.98
CA LYS A 4 -7.82 0.35 -2.94
C LYS A 4 -7.22 -0.13 -4.25
N GLY A 5 -6.37 -1.15 -4.16
CA GLY A 5 -5.71 -1.68 -5.34
C GLY A 5 -4.61 -0.78 -5.86
N ALA A 6 -4.37 0.31 -5.14
CA ALA A 6 -3.39 1.31 -5.56
C ALA A 6 -2.16 1.24 -4.68
N PRO A 7 -0.99 1.65 -5.21
CA PRO A 7 0.28 1.64 -4.48
C PRO A 7 0.33 2.63 -3.32
N CYS A 8 0.53 2.13 -2.12
CA CYS A 8 0.83 2.99 -0.99
C CYS A 8 2.28 2.82 -0.58
N SER A 9 2.75 3.72 0.26
CA SER A 9 4.07 3.68 0.82
C SER A 9 3.95 3.76 2.34
N PRO A 10 4.80 3.06 3.10
CA PRO A 10 4.65 2.94 4.55
C PRO A 10 4.45 4.30 5.24
N LEU A 11 5.33 5.24 4.94
CA LEU A 11 5.28 6.54 5.58
C LEU A 11 4.61 7.61 4.70
N MET A 12 5.12 7.75 3.47
CA MET A 12 4.84 8.95 2.69
C MET A 12 3.64 8.84 1.75
N TYR A 13 2.86 7.76 1.84
CA TYR A 13 1.66 7.65 1.02
C TYR A 13 0.48 7.11 1.81
N PRO A 14 -0.28 8.00 2.46
CA PRO A 14 -1.49 7.63 3.19
C PRO A 14 -2.52 6.96 2.27
N CYS A 15 -3.00 5.83 2.70
CA CYS A 15 -3.97 5.07 1.92
C CYS A 15 -5.34 5.14 2.58
N CYS A 16 -6.38 4.99 1.78
CA CYS A 16 -7.74 4.93 2.31
C CYS A 16 -8.02 3.53 2.83
N THR A 17 -6.98 2.75 2.82
CA THR A 17 -6.95 1.44 3.42
C THR A 17 -6.19 1.53 4.74
N GLY A 18 -6.66 0.78 5.75
CA GLY A 18 -6.14 0.90 7.10
C GLY A 18 -4.63 0.88 7.18
N PRO A 19 -4.02 -0.30 7.28
CA PRO A 19 -2.58 -0.44 7.25
C PRO A 19 -2.07 -0.48 5.82
N CYS A 20 -1.03 0.30 5.55
CA CYS A 20 -0.42 0.33 4.23
C CYS A 20 0.34 -0.97 3.99
N THR A 21 -0.37 -1.97 3.49
CA THR A 21 0.18 -3.28 3.24
C THR A 21 0.44 -3.48 1.76
N PHE A 22 1.02 -4.63 1.42
CA PHE A 22 1.36 -5.00 0.07
C PHE A 22 2.09 -3.90 -0.70
N LYS A 23 2.65 -2.94 0.02
CA LYS A 23 3.21 -1.72 -0.58
C LYS A 23 4.60 -1.93 -1.14
N GLU A 24 5.30 -2.86 -0.56
CA GLU A 24 6.67 -3.16 -0.95
C GLU A 24 6.87 -4.67 -1.07
N ASN A 25 7.44 -5.08 -2.19
CA ASN A 25 7.61 -6.49 -2.49
C ASN A 25 8.76 -7.07 -1.67
N GLU A 26 9.63 -6.19 -1.19
CA GLU A 26 10.73 -6.60 -0.33
C GLU A 26 10.25 -6.86 1.10
N ASN A 27 9.00 -6.49 1.36
CA ASN A 27 8.42 -6.67 2.69
C ASN A 27 7.30 -7.71 2.62
N GLY A 28 6.53 -7.67 1.55
CA GLY A 28 5.48 -8.64 1.32
C GLY A 28 5.16 -8.75 -0.15
N ASN A 29 4.02 -9.34 -0.49
CA ASN A 29 3.62 -9.42 -1.89
C ASN A 29 2.92 -8.16 -2.32
N THR A 30 3.12 -7.79 -3.58
CA THR A 30 2.55 -6.57 -4.13
C THR A 30 1.34 -6.85 -4.97
N VAL A 31 0.20 -6.89 -4.32
CA VAL A 31 -1.06 -7.20 -4.99
C VAL A 31 -1.99 -6.01 -4.99
N LYS A 32 -2.56 -5.74 -3.83
CA LYS A 32 -3.44 -4.61 -3.66
C LYS A 32 -2.63 -3.37 -3.35
N ARG A 33 -1.44 -3.63 -2.81
CA ARG A 33 -0.43 -2.60 -2.54
C ARG A 33 -0.99 -1.48 -1.66
N CYS A 34 -2.04 -1.79 -0.91
CA CYS A 34 -2.64 -0.87 0.02
C CYS A 34 -3.34 -1.70 1.08
N CYS A 1 -5.99 10.13 -0.23
CA CYS A 1 -5.43 8.77 0.03
C CYS A 1 -5.41 7.97 -1.25
N LYS A 2 -4.50 7.00 -1.32
CA LYS A 2 -4.43 6.08 -2.45
C LYS A 2 -5.55 5.04 -2.33
N PRO A 3 -6.35 4.86 -3.40
CA PRO A 3 -7.48 3.93 -3.41
C PRO A 3 -7.05 2.47 -3.26
N LYS A 4 -8.03 1.59 -3.13
CA LYS A 4 -7.77 0.15 -3.00
C LYS A 4 -7.07 -0.38 -4.24
N GLY A 5 -5.98 -1.10 -4.04
CA GLY A 5 -5.23 -1.65 -5.15
C GLY A 5 -4.21 -0.66 -5.67
N ALA A 6 -4.06 0.43 -4.94
CA ALA A 6 -3.17 1.51 -5.35
C ALA A 6 -1.95 1.56 -4.45
N PRO A 7 -0.76 1.85 -5.03
CA PRO A 7 0.51 1.80 -4.29
C PRO A 7 0.59 2.81 -3.15
N CYS A 8 0.71 2.31 -1.94
CA CYS A 8 0.98 3.15 -0.78
C CYS A 8 2.44 3.03 -0.37
N SER A 9 2.85 3.93 0.49
CA SER A 9 4.17 3.92 1.08
C SER A 9 4.04 3.95 2.60
N PRO A 10 4.97 3.35 3.35
CA PRO A 10 4.84 3.26 4.81
C PRO A 10 4.61 4.62 5.47
N LEU A 11 5.43 5.59 5.13
CA LEU A 11 5.36 6.91 5.75
C LEU A 11 4.61 7.93 4.87
N MET A 12 5.03 8.09 3.62
CA MET A 12 4.66 9.27 2.85
C MET A 12 3.51 9.05 1.87
N TYR A 13 2.86 7.89 1.91
CA TYR A 13 1.67 7.68 1.06
C TYR A 13 0.55 7.02 1.84
N PRO A 14 -0.28 7.83 2.52
CA PRO A 14 -1.46 7.34 3.21
C PRO A 14 -2.46 6.73 2.24
N CYS A 15 -2.91 5.53 2.54
CA CYS A 15 -3.85 4.85 1.67
C CYS A 15 -5.27 5.01 2.22
N CYS A 16 -6.24 4.72 1.36
CA CYS A 16 -7.65 4.85 1.71
C CYS A 16 -8.11 3.69 2.57
N THR A 17 -7.18 2.80 2.84
CA THR A 17 -7.41 1.70 3.76
C THR A 17 -6.69 1.99 5.08
N GLY A 18 -6.81 1.08 6.04
CA GLY A 18 -6.18 1.29 7.33
C GLY A 18 -4.67 1.22 7.26
N PRO A 19 -4.09 0.01 7.31
CA PRO A 19 -2.65 -0.17 7.23
C PRO A 19 -2.17 -0.25 5.78
N CYS A 20 -1.05 0.41 5.51
CA CYS A 20 -0.42 0.35 4.19
C CYS A 20 0.16 -1.04 3.97
N THR A 21 -0.62 -1.90 3.37
CA THR A 21 -0.28 -3.30 3.22
C THR A 21 0.28 -3.62 1.84
N PHE A 22 1.30 -4.46 1.86
CA PHE A 22 1.99 -4.94 0.66
C PHE A 22 2.30 -3.82 -0.31
N LYS A 23 2.69 -2.66 0.24
CA LYS A 23 3.06 -1.49 -0.54
C LYS A 23 4.10 -1.80 -1.61
N GLU A 24 5.03 -2.65 -1.23
CA GLU A 24 6.13 -3.02 -2.11
C GLU A 24 6.26 -4.54 -2.19
N ASN A 25 6.90 -5.01 -3.25
CA ASN A 25 7.06 -6.43 -3.54
C ASN A 25 7.89 -7.11 -2.46
N GLU A 26 8.61 -6.33 -1.67
CA GLU A 26 9.39 -6.84 -0.55
C GLU A 26 8.51 -7.60 0.44
N ASN A 27 7.25 -7.18 0.54
CA ASN A 27 6.28 -7.81 1.43
C ASN A 27 5.89 -9.20 0.92
N GLY A 28 6.03 -9.40 -0.38
CA GLY A 28 5.66 -10.66 -0.98
C GLY A 28 5.71 -10.60 -2.49
N ASN A 29 4.57 -10.34 -3.11
CA ASN A 29 4.48 -10.25 -4.56
C ASN A 29 3.67 -9.05 -4.97
N THR A 30 3.45 -8.17 -4.01
CA THR A 30 2.65 -6.98 -4.15
C THR A 30 1.22 -7.32 -4.59
N VAL A 31 0.33 -7.44 -3.61
CA VAL A 31 -1.05 -7.85 -3.88
C VAL A 31 -1.94 -6.64 -4.13
N LYS A 32 -2.29 -5.97 -3.06
CA LYS A 32 -3.17 -4.83 -3.10
C LYS A 32 -2.38 -3.55 -3.04
N ARG A 33 -1.19 -3.66 -2.46
CA ARG A 33 -0.26 -2.56 -2.27
C ARG A 33 -0.93 -1.33 -1.64
N CYS A 34 -2.02 -1.58 -0.90
CA CYS A 34 -2.76 -0.56 -0.21
C CYS A 34 -3.33 -1.18 1.04
N CYS A 1 -6.55 10.13 0.05
CA CYS A 1 -5.89 8.82 0.25
C CYS A 1 -5.79 8.06 -1.06
N LYS A 2 -4.78 7.20 -1.16
CA LYS A 2 -4.61 6.35 -2.33
C LYS A 2 -5.70 5.28 -2.36
N PRO A 3 -6.30 5.07 -3.55
CA PRO A 3 -7.41 4.12 -3.74
C PRO A 3 -7.03 2.69 -3.37
N LYS A 4 -8.06 1.89 -3.12
CA LYS A 4 -7.89 0.48 -2.80
C LYS A 4 -7.36 -0.27 -4.01
N GLY A 5 -6.17 -0.83 -3.88
CA GLY A 5 -5.53 -1.51 -4.99
C GLY A 5 -4.42 -0.68 -5.57
N ALA A 6 -4.19 0.45 -4.93
CA ALA A 6 -3.19 1.40 -5.38
C ALA A 6 -1.98 1.38 -4.44
N PRO A 7 -0.78 1.63 -4.96
CA PRO A 7 0.45 1.56 -4.17
C PRO A 7 0.55 2.64 -3.10
N CYS A 8 0.53 2.22 -1.84
CA CYS A 8 0.84 3.10 -0.74
C CYS A 8 2.28 2.87 -0.31
N SER A 9 2.79 3.76 0.50
CA SER A 9 4.14 3.68 1.00
C SER A 9 4.09 3.76 2.52
N PRO A 10 5.06 3.16 3.24
CA PRO A 10 5.03 3.14 4.70
C PRO A 10 4.82 4.52 5.31
N LEU A 11 5.62 5.49 4.86
CA LEU A 11 5.61 6.81 5.44
C LEU A 11 4.80 7.83 4.63
N MET A 12 5.11 7.98 3.35
CA MET A 12 4.67 9.17 2.61
C MET A 12 3.57 8.92 1.58
N TYR A 13 2.92 7.76 1.61
CA TYR A 13 1.77 7.53 0.73
C TYR A 13 0.60 6.95 1.52
N PRO A 14 -0.19 7.82 2.15
CA PRO A 14 -1.40 7.42 2.89
C PRO A 14 -2.45 6.80 1.97
N CYS A 15 -2.96 5.64 2.35
CA CYS A 15 -3.95 4.94 1.55
C CYS A 15 -5.32 5.09 2.17
N CYS A 16 -6.35 4.71 1.42
CA CYS A 16 -7.73 4.82 1.86
C CYS A 16 -8.09 3.68 2.81
N THR A 17 -7.15 2.79 3.00
CA THR A 17 -7.31 1.67 3.92
C THR A 17 -6.49 1.92 5.18
N GLY A 18 -6.74 1.14 6.22
CA GLY A 18 -6.04 1.32 7.48
C GLY A 18 -4.56 1.04 7.36
N PRO A 19 -4.15 -0.24 7.46
CA PRO A 19 -2.77 -0.62 7.29
C PRO A 19 -2.33 -0.58 5.84
N CYS A 20 -1.13 -0.08 5.61
CA CYS A 20 -0.55 0.00 4.28
C CYS A 20 0.11 -1.34 3.96
N THR A 21 -0.63 -2.21 3.29
CA THR A 21 -0.21 -3.57 3.06
C THR A 21 0.41 -3.75 1.69
N PHE A 22 1.30 -4.74 1.61
CA PHE A 22 2.03 -5.07 0.41
C PHE A 22 2.51 -3.85 -0.37
N LYS A 23 2.91 -2.81 0.38
CA LYS A 23 3.39 -1.57 -0.21
C LYS A 23 4.76 -1.72 -0.83
N GLU A 24 5.49 -2.68 -0.30
CA GLU A 24 6.83 -2.98 -0.77
C GLU A 24 6.98 -4.48 -0.97
N ASN A 25 7.81 -4.86 -1.94
CA ASN A 25 8.00 -6.26 -2.32
C ASN A 25 8.60 -7.08 -1.18
N GLU A 26 9.21 -6.39 -0.23
CA GLU A 26 9.78 -7.04 0.96
C GLU A 26 8.67 -7.66 1.81
N ASN A 27 7.44 -7.19 1.63
CA ASN A 27 6.31 -7.69 2.39
C ASN A 27 5.63 -8.82 1.63
N GLY A 28 5.99 -8.95 0.36
CA GLY A 28 5.37 -9.94 -0.49
C GLY A 28 5.21 -9.43 -1.90
N ASN A 29 4.42 -10.11 -2.70
CA ASN A 29 4.18 -9.68 -4.08
C ASN A 29 3.28 -8.45 -4.11
N THR A 30 3.34 -7.74 -5.21
CA THR A 30 2.58 -6.51 -5.36
C THR A 30 1.16 -6.81 -5.80
N VAL A 31 0.28 -6.87 -4.83
CA VAL A 31 -1.11 -7.28 -5.06
C VAL A 31 -2.04 -6.09 -5.00
N LYS A 32 -2.24 -5.57 -3.81
CA LYS A 32 -3.13 -4.47 -3.59
C LYS A 32 -2.30 -3.26 -3.29
N ARG A 33 -1.25 -3.48 -2.51
CA ARG A 33 -0.30 -2.44 -2.17
C ARG A 33 -1.00 -1.32 -1.39
N CYS A 34 -2.12 -1.67 -0.76
CA CYS A 34 -2.93 -0.74 -0.01
C CYS A 34 -3.57 -1.50 1.13
N CYS A 1 -6.51 10.25 -0.02
CA CYS A 1 -5.81 8.96 0.17
C CYS A 1 -5.79 8.17 -1.14
N LYS A 2 -4.77 7.34 -1.31
CA LYS A 2 -4.73 6.42 -2.45
C LYS A 2 -5.84 5.38 -2.31
N PRO A 3 -6.62 5.17 -3.38
CA PRO A 3 -7.72 4.18 -3.37
C PRO A 3 -7.22 2.77 -3.06
N LYS A 4 -8.14 1.89 -2.74
CA LYS A 4 -7.80 0.50 -2.47
C LYS A 4 -7.45 -0.21 -3.78
N GLY A 5 -6.35 -0.96 -3.75
CA GLY A 5 -5.84 -1.59 -4.94
C GLY A 5 -4.81 -0.71 -5.60
N ALA A 6 -4.51 0.38 -4.93
CA ALA A 6 -3.58 1.39 -5.44
C ALA A 6 -2.27 1.34 -4.66
N PRO A 7 -1.18 1.86 -5.23
CA PRO A 7 0.14 1.84 -4.60
C PRO A 7 0.28 2.86 -3.46
N CYS A 8 0.46 2.35 -2.24
CA CYS A 8 0.79 3.19 -1.10
C CYS A 8 2.10 2.74 -0.48
N SER A 9 2.65 3.59 0.35
CA SER A 9 3.87 3.32 1.07
C SER A 9 3.59 3.52 2.56
N PRO A 10 4.40 2.94 3.47
CA PRO A 10 4.12 3.02 4.90
C PRO A 10 4.00 4.45 5.41
N LEU A 11 5.01 5.26 5.09
CA LEU A 11 5.11 6.59 5.67
C LEU A 11 4.60 7.70 4.74
N MET A 12 5.13 7.76 3.52
CA MET A 12 4.95 8.95 2.68
C MET A 12 3.87 8.78 1.61
N TYR A 13 3.08 7.72 1.68
CA TYR A 13 1.96 7.54 0.73
C TYR A 13 0.73 7.05 1.45
N PRO A 14 -0.05 7.96 2.04
CA PRO A 14 -1.29 7.61 2.75
C PRO A 14 -2.33 6.98 1.83
N CYS A 15 -2.86 5.84 2.24
CA CYS A 15 -3.86 5.13 1.45
C CYS A 15 -5.22 5.21 2.12
N CYS A 16 -6.25 4.86 1.36
CA CYS A 16 -7.61 4.86 1.88
C CYS A 16 -7.87 3.61 2.70
N THR A 17 -6.83 2.82 2.81
CA THR A 17 -6.82 1.61 3.60
C THR A 17 -6.05 1.86 4.89
N GLY A 18 -6.53 1.30 6.00
CA GLY A 18 -5.92 1.56 7.30
C GLY A 18 -4.43 1.31 7.32
N PRO A 19 -3.99 0.08 7.60
CA PRO A 19 -2.60 -0.30 7.47
C PRO A 19 -2.26 -0.68 6.04
N CYS A 20 -1.20 -0.08 5.51
CA CYS A 20 -0.80 -0.32 4.15
C CYS A 20 -0.25 -1.72 3.99
N THR A 21 -0.99 -2.54 3.28
CA THR A 21 -0.62 -3.92 3.11
C THR A 21 0.06 -4.15 1.78
N PHE A 22 1.11 -4.95 1.83
CA PHE A 22 1.92 -5.25 0.68
C PHE A 22 2.37 -3.98 -0.04
N LYS A 23 2.76 -2.99 0.74
CA LYS A 23 3.25 -1.71 0.21
C LYS A 23 4.69 -1.83 -0.26
N GLU A 24 5.39 -2.77 0.34
CA GLU A 24 6.80 -3.00 0.05
C GLU A 24 6.96 -4.32 -0.69
N ASN A 25 7.91 -4.34 -1.63
CA ASN A 25 8.13 -5.51 -2.50
C ASN A 25 8.59 -6.72 -1.69
N GLU A 26 9.10 -6.44 -0.49
CA GLU A 26 9.51 -7.48 0.44
C GLU A 26 8.33 -8.40 0.76
N ASN A 27 7.13 -7.88 0.63
CA ASN A 27 5.92 -8.67 0.86
C ASN A 27 5.31 -9.12 -0.45
N GLY A 28 5.83 -10.21 -0.96
CA GLY A 28 5.26 -10.86 -2.13
C GLY A 28 5.22 -9.99 -3.37
N ASN A 29 6.25 -9.15 -3.56
CA ASN A 29 6.37 -8.30 -4.74
C ASN A 29 5.17 -7.37 -4.91
N THR A 30 4.46 -7.18 -3.82
CA THR A 30 3.26 -6.37 -3.73
C THR A 30 2.11 -6.92 -4.56
N VAL A 31 0.91 -6.69 -4.05
CA VAL A 31 -0.31 -7.15 -4.72
C VAL A 31 -1.30 -6.00 -4.81
N LYS A 32 -1.89 -5.68 -3.68
CA LYS A 32 -2.80 -4.57 -3.57
C LYS A 32 -2.04 -3.29 -3.28
N ARG A 33 -1.04 -3.44 -2.42
CA ARG A 33 -0.17 -2.34 -2.02
C ARG A 33 -0.99 -1.22 -1.34
N CYS A 34 -2.03 -1.62 -0.59
CA CYS A 34 -2.90 -0.69 0.09
C CYS A 34 -3.72 -1.48 1.11
N CYS A 1 -6.28 10.15 -0.63
CA CYS A 1 -5.48 8.96 -0.31
C CYS A 1 -5.40 8.02 -1.50
N LYS A 2 -4.36 7.20 -1.52
CA LYS A 2 -4.22 6.16 -2.54
C LYS A 2 -5.40 5.21 -2.49
N PRO A 3 -6.04 4.97 -3.65
CA PRO A 3 -7.20 4.06 -3.75
C PRO A 3 -6.86 2.63 -3.33
N LYS A 4 -7.88 1.80 -3.22
CA LYS A 4 -7.69 0.41 -2.87
C LYS A 4 -7.13 -0.34 -4.07
N GLY A 5 -6.18 -1.20 -3.82
CA GLY A 5 -5.48 -1.88 -4.89
C GLY A 5 -4.35 -1.03 -5.44
N ALA A 6 -4.10 0.09 -4.78
CA ALA A 6 -3.10 1.06 -5.23
C ALA A 6 -1.90 1.05 -4.29
N PRO A 7 -0.69 1.38 -4.81
CA PRO A 7 0.55 1.28 -4.04
C PRO A 7 0.71 2.41 -3.03
N CYS A 8 0.74 2.04 -1.76
CA CYS A 8 0.98 3.00 -0.69
C CYS A 8 2.40 2.84 -0.15
N SER A 9 2.77 3.77 0.69
CA SER A 9 3.98 3.71 1.47
C SER A 9 3.62 3.93 2.93
N PRO A 10 4.19 3.17 3.87
CA PRO A 10 3.78 3.19 5.27
C PRO A 10 3.66 4.60 5.84
N LEU A 11 4.69 5.40 5.64
CA LEU A 11 4.74 6.74 6.21
C LEU A 11 4.34 7.82 5.21
N MET A 12 4.88 7.76 3.99
CA MET A 12 4.81 8.93 3.10
C MET A 12 3.78 8.80 1.97
N TYR A 13 3.01 7.71 1.93
CA TYR A 13 1.90 7.62 0.98
C TYR A 13 0.65 7.07 1.65
N PRO A 14 -0.11 7.94 2.32
CA PRO A 14 -1.35 7.54 3.00
C PRO A 14 -2.35 6.91 2.03
N CYS A 15 -2.87 5.76 2.40
CA CYS A 15 -3.79 5.03 1.54
C CYS A 15 -5.20 5.15 2.09
N CYS A 16 -6.17 4.89 1.23
CA CYS A 16 -7.58 4.93 1.61
C CYS A 16 -7.95 3.68 2.40
N THR A 17 -6.98 2.82 2.54
CA THR A 17 -7.08 1.63 3.33
C THR A 17 -6.31 1.83 4.64
N GLY A 18 -6.86 1.33 5.74
CA GLY A 18 -6.30 1.58 7.07
C GLY A 18 -4.80 1.36 7.15
N PRO A 19 -4.34 0.11 7.13
CA PRO A 19 -2.92 -0.21 7.09
C PRO A 19 -2.33 0.04 5.70
N CYS A 20 -1.01 -0.05 5.61
CA CYS A 20 -0.33 0.03 4.32
C CYS A 20 0.35 -1.32 4.06
N THR A 21 -0.40 -2.21 3.45
CA THR A 21 0.03 -3.56 3.23
C THR A 21 0.58 -3.77 1.83
N PHE A 22 1.53 -4.70 1.73
CA PHE A 22 2.20 -5.04 0.49
C PHE A 22 2.56 -3.80 -0.32
N LYS A 23 2.97 -2.75 0.39
CA LYS A 23 3.21 -1.42 -0.20
C LYS A 23 4.25 -1.46 -1.30
N GLU A 24 5.20 -2.35 -1.16
CA GLU A 24 6.29 -2.44 -2.12
C GLU A 24 6.60 -3.91 -2.43
N ASN A 25 6.86 -4.16 -3.72
CA ASN A 25 7.13 -5.51 -4.23
C ASN A 25 8.36 -6.12 -3.58
N GLU A 26 9.22 -5.25 -3.05
CA GLU A 26 10.42 -5.68 -2.33
C GLU A 26 10.04 -6.52 -1.11
N ASN A 27 8.92 -6.17 -0.48
CA ASN A 27 8.47 -6.88 0.71
C ASN A 27 7.64 -8.10 0.33
N GLY A 28 6.69 -7.88 -0.56
CA GLY A 28 5.83 -8.96 -1.01
C GLY A 28 5.21 -8.65 -2.34
N ASN A 29 4.41 -9.55 -2.87
CA ASN A 29 3.74 -9.30 -4.15
C ASN A 29 2.69 -8.24 -4.00
N THR A 30 2.45 -7.53 -5.08
CA THR A 30 1.55 -6.39 -5.05
C THR A 30 0.11 -6.82 -5.29
N VAL A 31 -0.47 -7.32 -4.21
CA VAL A 31 -1.84 -7.79 -4.23
C VAL A 31 -2.78 -6.62 -4.16
N LYS A 32 -2.76 -5.97 -3.02
CA LYS A 32 -3.55 -4.78 -2.82
C LYS A 32 -2.65 -3.57 -2.73
N ARG A 33 -1.43 -3.84 -2.25
CA ARG A 33 -0.42 -2.82 -2.00
C ARG A 33 -1.00 -1.59 -1.29
N CYS A 34 -2.05 -1.84 -0.51
CA CYS A 34 -2.76 -0.81 0.23
C CYS A 34 -3.40 -1.50 1.43
N CYS A 1 -5.73 10.08 -0.42
CA CYS A 1 -5.14 8.78 -0.06
C CYS A 1 -5.16 7.83 -1.26
N LYS A 2 -4.30 6.82 -1.22
CA LYS A 2 -4.26 5.81 -2.27
C LYS A 2 -5.49 4.89 -2.19
N PRO A 3 -6.22 4.77 -3.30
CA PRO A 3 -7.38 3.86 -3.41
C PRO A 3 -7.00 2.39 -3.24
N LYS A 4 -8.00 1.53 -3.22
CA LYS A 4 -7.77 0.10 -3.11
C LYS A 4 -7.12 -0.44 -4.39
N GLY A 5 -6.12 -1.28 -4.23
CA GLY A 5 -5.37 -1.77 -5.38
C GLY A 5 -4.35 -0.76 -5.85
N ALA A 6 -4.15 0.27 -5.04
CA ALA A 6 -3.23 1.36 -5.40
C ALA A 6 -1.99 1.30 -4.53
N PRO A 7 -0.80 1.54 -5.11
CA PRO A 7 0.47 1.38 -4.40
C PRO A 7 0.73 2.53 -3.42
N CYS A 8 0.78 2.20 -2.14
CA CYS A 8 1.12 3.19 -1.13
C CYS A 8 2.57 3.04 -0.69
N SER A 9 2.98 3.93 0.17
CA SER A 9 4.29 3.92 0.79
C SER A 9 4.10 3.96 2.29
N PRO A 10 4.88 3.19 3.05
CA PRO A 10 4.64 2.99 4.49
C PRO A 10 4.46 4.30 5.25
N LEU A 11 5.36 5.24 5.02
CA LEU A 11 5.36 6.49 5.76
C LEU A 11 4.70 7.62 4.98
N MET A 12 5.12 7.81 3.74
CA MET A 12 4.82 9.06 3.02
C MET A 12 3.64 8.95 2.05
N TYR A 13 2.89 7.86 2.08
CA TYR A 13 1.69 7.76 1.24
C TYR A 13 0.53 7.13 1.99
N PRO A 14 -0.24 7.94 2.71
CA PRO A 14 -1.46 7.48 3.41
C PRO A 14 -2.45 6.83 2.44
N CYS A 15 -2.92 5.66 2.80
CA CYS A 15 -3.82 4.90 1.95
C CYS A 15 -5.27 5.09 2.39
N CYS A 16 -6.19 4.85 1.47
CA CYS A 16 -7.62 4.89 1.76
C CYS A 16 -8.05 3.58 2.41
N THR A 17 -7.05 2.78 2.66
CA THR A 17 -7.16 1.51 3.35
C THR A 17 -6.64 1.68 4.77
N GLY A 18 -7.12 0.85 5.70
CA GLY A 18 -6.71 0.97 7.10
C GLY A 18 -5.20 1.09 7.25
N PRO A 19 -4.47 -0.01 7.11
CA PRO A 19 -3.01 0.02 7.05
C PRO A 19 -2.51 0.31 5.63
N CYS A 20 -1.22 0.52 5.51
CA CYS A 20 -0.56 0.62 4.22
C CYS A 20 0.38 -0.57 4.08
N THR A 21 -0.09 -1.62 3.44
CA THR A 21 0.66 -2.85 3.35
C THR A 21 0.58 -3.44 1.95
N PHE A 22 1.30 -4.53 1.78
CA PHE A 22 1.63 -5.09 0.48
C PHE A 22 2.01 -4.03 -0.54
N LYS A 23 2.48 -2.88 -0.04
CA LYS A 23 2.82 -1.73 -0.89
C LYS A 23 4.12 -1.96 -1.62
N GLU A 24 4.94 -2.78 -1.03
CA GLU A 24 6.27 -3.07 -1.55
C GLU A 24 6.42 -4.56 -1.84
N ASN A 25 6.83 -4.87 -3.05
CA ASN A 25 6.99 -6.26 -3.47
C ASN A 25 8.32 -6.80 -2.96
N GLU A 26 9.22 -5.89 -2.59
CA GLU A 26 10.50 -6.28 -2.02
C GLU A 26 10.31 -6.83 -0.60
N ASN A 27 9.21 -6.47 0.01
CA ASN A 27 8.88 -6.98 1.34
C ASN A 27 8.08 -8.27 1.24
N GLY A 28 7.32 -8.39 0.17
CA GLY A 28 6.53 -9.57 -0.06
C GLY A 28 5.94 -9.61 -1.45
N ASN A 29 4.71 -9.15 -1.58
CA ASN A 29 4.06 -9.07 -2.88
C ASN A 29 3.19 -7.83 -2.92
N THR A 30 2.83 -7.40 -4.11
CA THR A 30 2.02 -6.21 -4.28
C THR A 30 0.62 -6.56 -4.73
N VAL A 31 -0.11 -7.13 -3.81
CA VAL A 31 -1.46 -7.62 -4.08
C VAL A 31 -2.44 -6.46 -4.13
N LYS A 32 -2.75 -5.93 -2.97
CA LYS A 32 -3.60 -4.76 -2.87
C LYS A 32 -2.74 -3.54 -2.84
N ARG A 33 -1.51 -3.75 -2.38
CA ARG A 33 -0.48 -2.72 -2.27
C ARG A 33 -1.00 -1.44 -1.61
N CYS A 34 -2.03 -1.60 -0.79
CA CYS A 34 -2.65 -0.51 -0.07
C CYS A 34 -3.13 -1.11 1.25
N CYS A 1 -5.86 10.20 -0.37
CA CYS A 1 -5.31 8.87 -0.05
C CYS A 1 -5.35 7.98 -1.29
N LYS A 2 -4.46 7.00 -1.33
CA LYS A 2 -4.43 6.04 -2.42
C LYS A 2 -5.57 5.03 -2.27
N PRO A 3 -6.33 4.81 -3.36
CA PRO A 3 -7.46 3.86 -3.37
C PRO A 3 -7.05 2.42 -3.06
N LYS A 4 -8.04 1.54 -2.95
CA LYS A 4 -7.80 0.13 -2.75
C LYS A 4 -7.22 -0.51 -4.00
N GLY A 5 -6.23 -1.38 -3.82
CA GLY A 5 -5.55 -1.98 -4.94
C GLY A 5 -4.53 -1.03 -5.52
N ALA A 6 -4.30 0.04 -4.79
CA ALA A 6 -3.42 1.12 -5.25
C ALA A 6 -2.14 1.16 -4.43
N PRO A 7 -1.01 1.52 -5.05
CA PRO A 7 0.30 1.58 -4.39
C PRO A 7 0.37 2.60 -3.24
N CYS A 8 0.60 2.10 -2.04
CA CYS A 8 0.92 2.97 -0.92
C CYS A 8 2.35 2.73 -0.45
N SER A 9 2.86 3.68 0.29
CA SER A 9 4.18 3.60 0.88
C SER A 9 4.05 3.79 2.37
N PRO A 10 4.84 3.07 3.19
CA PRO A 10 4.70 3.06 4.64
C PRO A 10 4.53 4.45 5.25
N LEU A 11 5.41 5.35 4.91
CA LEU A 11 5.41 6.67 5.51
C LEU A 11 4.74 7.73 4.63
N MET A 12 5.18 7.85 3.39
CA MET A 12 4.85 9.03 2.58
C MET A 12 3.66 8.83 1.64
N TYR A 13 2.98 7.68 1.72
CA TYR A 13 1.79 7.48 0.90
C TYR A 13 0.65 6.89 1.72
N PRO A 14 -0.15 7.75 2.35
CA PRO A 14 -1.35 7.33 3.08
C PRO A 14 -2.39 6.73 2.14
N CYS A 15 -2.91 5.57 2.50
CA CYS A 15 -3.87 4.87 1.67
C CYS A 15 -5.27 5.06 2.22
N CYS A 16 -6.27 4.86 1.36
CA CYS A 16 -7.68 4.96 1.76
C CYS A 16 -8.10 3.71 2.49
N THR A 17 -7.13 2.84 2.65
CA THR A 17 -7.27 1.60 3.38
C THR A 17 -6.60 1.77 4.75
N GLY A 18 -7.15 1.09 5.76
CA GLY A 18 -6.67 1.24 7.12
C GLY A 18 -5.17 1.17 7.24
N PRO A 19 -4.58 -0.02 7.10
CA PRO A 19 -3.14 -0.19 7.04
C PRO A 19 -2.57 0.19 5.68
N CYS A 20 -1.26 0.24 5.60
CA CYS A 20 -0.57 0.36 4.34
C CYS A 20 0.31 -0.86 4.17
N THR A 21 -0.30 -1.93 3.70
CA THR A 21 0.37 -3.20 3.65
C THR A 21 0.63 -3.61 2.21
N PHE A 22 1.37 -4.70 2.08
CA PHE A 22 1.98 -5.12 0.83
C PHE A 22 2.48 -3.92 0.01
N LYS A 23 2.99 -2.91 0.69
CA LYS A 23 3.31 -1.62 0.06
C LYS A 23 4.55 -1.68 -0.81
N GLU A 24 5.45 -2.57 -0.48
CA GLU A 24 6.72 -2.69 -1.22
C GLU A 24 7.55 -3.85 -0.70
N ASN A 25 7.21 -4.27 0.49
CA ASN A 25 7.95 -5.28 1.24
C ASN A 25 8.02 -6.64 0.51
N GLU A 26 6.94 -7.01 -0.17
CA GLU A 26 6.86 -8.33 -0.79
C GLU A 26 7.43 -8.33 -2.21
N ASN A 27 7.39 -7.17 -2.85
CA ASN A 27 7.79 -7.01 -4.25
C ASN A 27 6.79 -7.66 -5.21
N GLY A 28 6.43 -8.91 -4.94
CA GLY A 28 5.47 -9.61 -5.76
C GLY A 28 4.04 -9.49 -5.24
N ASN A 29 3.88 -9.67 -3.93
CA ASN A 29 2.55 -9.63 -3.30
C ASN A 29 2.06 -8.21 -3.11
N THR A 30 2.76 -7.29 -3.74
CA THR A 30 2.43 -5.88 -3.67
C THR A 30 1.34 -5.55 -4.66
N VAL A 31 0.55 -6.56 -4.95
CA VAL A 31 -0.59 -6.44 -5.86
C VAL A 31 -1.58 -5.38 -5.38
N LYS A 32 -2.06 -5.56 -4.17
CA LYS A 32 -2.93 -4.58 -3.55
C LYS A 32 -2.13 -3.35 -3.15
N ARG A 33 -1.05 -3.57 -2.42
CA ARG A 33 -0.15 -2.50 -2.02
C ARG A 33 -0.89 -1.39 -1.27
N CYS A 34 -1.91 -1.77 -0.49
CA CYS A 34 -2.71 -0.82 0.25
C CYS A 34 -3.26 -1.54 1.47
N CYS A 1 -5.99 10.45 -0.39
CA CYS A 1 -5.71 9.06 0.02
C CYS A 1 -5.52 8.16 -1.20
N LYS A 2 -4.68 7.16 -1.05
CA LYS A 2 -4.48 6.17 -2.10
C LYS A 2 -5.65 5.20 -2.13
N PRO A 3 -6.27 5.02 -3.31
CA PRO A 3 -7.41 4.11 -3.49
C PRO A 3 -7.03 2.65 -3.23
N LYS A 4 -8.02 1.78 -3.23
CA LYS A 4 -7.79 0.37 -3.01
C LYS A 4 -7.22 -0.30 -4.25
N GLY A 5 -6.32 -1.24 -4.04
CA GLY A 5 -5.61 -1.85 -5.14
C GLY A 5 -4.55 -0.93 -5.70
N ALA A 6 -4.33 0.17 -4.98
CA ALA A 6 -3.41 1.22 -5.42
C ALA A 6 -2.16 1.21 -4.57
N PRO A 7 -1.01 1.60 -5.14
CA PRO A 7 0.29 1.49 -4.46
C PRO A 7 0.53 2.59 -3.41
N CYS A 8 0.65 2.17 -2.16
CA CYS A 8 1.05 3.07 -1.10
C CYS A 8 2.50 2.81 -0.73
N SER A 9 3.03 3.67 0.12
CA SER A 9 4.35 3.54 0.67
C SER A 9 4.24 3.62 2.19
N PRO A 10 5.08 2.89 2.93
CA PRO A 10 4.96 2.77 4.38
C PRO A 10 4.79 4.11 5.09
N LEU A 11 5.63 5.08 4.75
CA LEU A 11 5.68 6.34 5.47
C LEU A 11 4.89 7.46 4.78
N MET A 12 5.21 7.74 3.52
CA MET A 12 4.79 9.01 2.91
C MET A 12 3.61 8.86 1.93
N TYR A 13 2.98 7.70 1.89
CA TYR A 13 1.83 7.51 1.02
C TYR A 13 0.64 6.95 1.78
N PRO A 14 -0.08 7.80 2.51
CA PRO A 14 -1.27 7.39 3.27
C PRO A 14 -2.34 6.77 2.37
N CYS A 15 -2.83 5.61 2.77
CA CYS A 15 -3.82 4.90 1.98
C CYS A 15 -5.22 5.17 2.50
N CYS A 16 -6.20 4.99 1.62
CA CYS A 16 -7.59 5.22 1.96
C CYS A 16 -8.19 3.98 2.61
N THR A 17 -7.35 2.99 2.76
CA THR A 17 -7.69 1.78 3.48
C THR A 17 -6.98 1.80 4.84
N GLY A 18 -7.10 0.74 5.63
CA GLY A 18 -6.53 0.72 6.97
C GLY A 18 -5.01 0.88 6.99
N PRO A 19 -4.26 -0.22 7.13
CA PRO A 19 -2.81 -0.18 7.10
C PRO A 19 -2.26 -0.26 5.67
N CYS A 20 -1.12 0.38 5.44
CA CYS A 20 -0.47 0.36 4.13
C CYS A 20 0.20 -0.99 3.90
N THR A 21 -0.58 -1.93 3.39
CA THR A 21 -0.15 -3.29 3.23
C THR A 21 0.30 -3.61 1.81
N PHE A 22 1.12 -4.65 1.71
CA PHE A 22 1.63 -5.16 0.45
C PHE A 22 2.08 -4.05 -0.50
N LYS A 23 2.61 -2.99 0.08
CA LYS A 23 2.98 -1.79 -0.67
C LYS A 23 4.29 -1.95 -1.42
N GLU A 24 5.11 -2.84 -0.94
CA GLU A 24 6.45 -3.02 -1.47
C GLU A 24 6.83 -4.50 -1.51
N ASN A 25 7.44 -4.92 -2.61
CA ASN A 25 7.86 -6.31 -2.78
C ASN A 25 9.11 -6.62 -1.96
N GLU A 26 9.81 -5.58 -1.55
CA GLU A 26 10.94 -5.76 -0.63
C GLU A 26 10.43 -5.97 0.79
N ASN A 27 9.11 -5.87 0.94
CA ASN A 27 8.45 -6.09 2.21
C ASN A 27 7.27 -7.03 2.00
N GLY A 28 7.42 -7.89 1.03
CA GLY A 28 6.38 -8.85 0.71
C GLY A 28 6.11 -8.92 -0.79
N ASN A 29 4.90 -8.59 -1.19
CA ASN A 29 4.52 -8.59 -2.60
C ASN A 29 3.45 -7.53 -2.81
N THR A 30 3.47 -6.88 -3.97
CA THR A 30 2.50 -5.84 -4.25
C THR A 30 1.23 -6.40 -4.84
N VAL A 31 0.35 -6.83 -3.95
CA VAL A 31 -0.91 -7.44 -4.33
C VAL A 31 -2.00 -6.38 -4.42
N LYS A 32 -2.47 -5.95 -3.27
CA LYS A 32 -3.40 -4.86 -3.19
C LYS A 32 -2.65 -3.57 -3.04
N ARG A 33 -1.42 -3.73 -2.52
CA ARG A 33 -0.44 -2.64 -2.39
C ARG A 33 -1.02 -1.40 -1.70
N CYS A 34 -2.12 -1.60 -0.97
CA CYS A 34 -2.74 -0.56 -0.19
C CYS A 34 -3.29 -1.22 1.06
N CYS A 1 -5.96 10.28 -0.58
CA CYS A 1 -5.23 9.07 -0.14
C CYS A 1 -5.24 8.01 -1.25
N LYS A 2 -4.34 7.05 -1.17
CA LYS A 2 -4.30 5.95 -2.13
C LYS A 2 -5.37 4.92 -1.78
N PRO A 3 -6.24 4.57 -2.76
CA PRO A 3 -7.27 3.55 -2.57
C PRO A 3 -6.67 2.14 -2.58
N LYS A 4 -7.46 1.16 -2.16
CA LYS A 4 -7.02 -0.23 -2.16
C LYS A 4 -6.91 -0.71 -3.60
N GLY A 5 -5.81 -1.37 -3.92
CA GLY A 5 -5.56 -1.80 -5.28
C GLY A 5 -4.54 -0.90 -5.91
N ALA A 6 -4.29 0.18 -5.20
CA ALA A 6 -3.34 1.19 -5.63
C ALA A 6 -2.08 1.12 -4.77
N PRO A 7 -0.92 1.52 -5.34
CA PRO A 7 0.36 1.38 -4.65
C PRO A 7 0.63 2.48 -3.62
N CYS A 8 0.70 2.11 -2.35
CA CYS A 8 1.05 3.04 -1.29
C CYS A 8 2.48 2.82 -0.82
N SER A 9 2.91 3.69 0.05
CA SER A 9 4.20 3.59 0.71
C SER A 9 3.99 3.67 2.21
N PRO A 10 4.74 2.89 3.00
CA PRO A 10 4.50 2.76 4.45
C PRO A 10 4.33 4.10 5.16
N LEU A 11 5.26 5.02 4.94
CA LEU A 11 5.26 6.28 5.65
C LEU A 11 4.67 7.42 4.80
N MET A 12 5.19 7.60 3.59
CA MET A 12 4.98 8.84 2.85
C MET A 12 3.80 8.81 1.87
N TYR A 13 2.94 7.80 1.98
CA TYR A 13 1.76 7.70 1.11
C TYR A 13 0.52 7.28 1.90
N PRO A 14 -0.21 8.26 2.45
CA PRO A 14 -1.46 8.02 3.15
C PRO A 14 -2.46 7.21 2.32
N CYS A 15 -3.06 6.21 2.92
CA CYS A 15 -3.96 5.31 2.23
C CYS A 15 -5.41 5.50 2.67
N CYS A 16 -6.32 5.19 1.76
CA CYS A 16 -7.75 5.23 2.04
C CYS A 16 -8.18 3.91 2.65
N THR A 17 -7.21 3.05 2.76
CA THR A 17 -7.37 1.71 3.29
C THR A 17 -6.81 1.67 4.71
N GLY A 18 -7.31 0.76 5.54
CA GLY A 18 -6.89 0.67 6.93
C GLY A 18 -5.38 0.73 7.09
N PRO A 19 -4.68 -0.35 6.74
CA PRO A 19 -3.23 -0.35 6.69
C PRO A 19 -2.71 0.07 5.32
N CYS A 20 -1.42 0.24 5.23
CA CYS A 20 -0.73 0.41 3.97
C CYS A 20 0.22 -0.77 3.78
N THR A 21 -0.32 -1.86 3.27
CA THR A 21 0.41 -3.10 3.17
C THR A 21 0.46 -3.58 1.72
N PHE A 22 1.12 -4.72 1.52
CA PHE A 22 1.50 -5.22 0.21
C PHE A 22 1.99 -4.12 -0.73
N LYS A 23 2.55 -3.05 -0.15
CA LYS A 23 2.97 -1.87 -0.90
C LYS A 23 4.34 -2.08 -1.52
N GLU A 24 5.10 -2.94 -0.92
CA GLU A 24 6.46 -3.21 -1.35
C GLU A 24 6.70 -4.71 -1.47
N ASN A 25 7.23 -5.11 -2.62
CA ASN A 25 7.49 -6.51 -2.90
C ASN A 25 8.81 -6.93 -2.25
N GLU A 26 9.69 -5.97 -2.04
CA GLU A 26 10.95 -6.24 -1.35
C GLU A 26 10.69 -6.47 0.15
N ASN A 27 9.51 -6.03 0.59
CA ASN A 27 9.09 -6.20 1.98
C ASN A 27 8.10 -7.37 2.07
N GLY A 28 7.68 -7.86 0.93
CA GLY A 28 6.73 -8.96 0.88
C GLY A 28 6.25 -9.23 -0.52
N ASN A 29 5.04 -8.79 -0.83
CA ASN A 29 4.48 -8.95 -2.16
C ASN A 29 3.74 -7.70 -2.59
N THR A 30 3.35 -7.65 -3.85
CA THR A 30 2.61 -6.54 -4.39
C THR A 30 1.32 -7.00 -5.04
N VAL A 31 0.22 -6.47 -4.55
CA VAL A 31 -1.09 -6.81 -5.10
C VAL A 31 -2.09 -5.66 -4.91
N LYS A 32 -2.60 -5.53 -3.71
CA LYS A 32 -3.51 -4.47 -3.39
C LYS A 32 -2.72 -3.25 -3.04
N ARG A 33 -1.60 -3.49 -2.38
CA ARG A 33 -0.57 -2.49 -2.22
C ARG A 33 -1.04 -1.31 -1.39
N CYS A 34 -2.06 -1.54 -0.60
CA CYS A 34 -2.62 -0.54 0.27
C CYS A 34 -3.48 -1.26 1.31
N CYS A 1 -6.25 10.24 0.45
CA CYS A 1 -5.66 8.90 0.55
C CYS A 1 -5.63 8.21 -0.81
N LYS A 2 -4.65 7.33 -1.00
CA LYS A 2 -4.55 6.53 -2.21
C LYS A 2 -5.68 5.50 -2.25
N PRO A 3 -6.26 5.26 -3.44
CA PRO A 3 -7.36 4.30 -3.59
C PRO A 3 -6.96 2.87 -3.23
N LYS A 4 -7.94 2.01 -3.03
CA LYS A 4 -7.68 0.62 -2.72
C LYS A 4 -7.19 -0.09 -3.97
N GLY A 5 -6.20 -0.95 -3.80
CA GLY A 5 -5.57 -1.60 -4.93
C GLY A 5 -4.54 -0.71 -5.58
N ALA A 6 -4.23 0.39 -4.91
CA ALA A 6 -3.28 1.37 -5.42
C ALA A 6 -1.98 1.34 -4.63
N PRO A 7 -0.86 1.77 -5.23
CA PRO A 7 0.44 1.81 -4.57
C PRO A 7 0.50 2.82 -3.42
N CYS A 8 0.69 2.32 -2.21
CA CYS A 8 0.88 3.20 -1.06
C CYS A 8 2.21 2.90 -0.38
N SER A 9 2.57 3.77 0.54
CA SER A 9 3.75 3.64 1.36
C SER A 9 3.34 3.83 2.83
N PRO A 10 4.08 3.28 3.81
CA PRO A 10 3.70 3.46 5.22
C PRO A 10 3.57 4.93 5.62
N LEU A 11 4.59 5.72 5.33
CA LEU A 11 4.60 7.12 5.72
C LEU A 11 4.23 8.06 4.57
N MET A 12 4.94 7.95 3.45
CA MET A 12 4.87 8.97 2.40
C MET A 12 3.65 8.85 1.49
N TYR A 13 3.02 7.68 1.44
CA TYR A 13 1.86 7.49 0.55
C TYR A 13 0.69 6.89 1.33
N PRO A 14 0.00 7.69 2.16
CA PRO A 14 -1.14 7.23 2.94
C PRO A 14 -2.29 6.74 2.05
N CYS A 15 -2.79 5.55 2.34
CA CYS A 15 -3.82 4.95 1.52
C CYS A 15 -5.18 5.03 2.20
N CYS A 16 -6.23 4.74 1.45
CA CYS A 16 -7.60 4.73 1.96
C CYS A 16 -7.88 3.44 2.71
N THR A 17 -6.86 2.64 2.78
CA THR A 17 -6.87 1.37 3.50
C THR A 17 -6.13 1.56 4.82
N GLY A 18 -6.64 0.94 5.89
CA GLY A 18 -6.13 1.15 7.24
C GLY A 18 -4.62 1.06 7.32
N PRO A 19 -4.06 -0.15 7.44
CA PRO A 19 -2.63 -0.35 7.38
C PRO A 19 -2.16 -0.53 5.95
N CYS A 20 -1.09 0.15 5.58
CA CYS A 20 -0.54 0.02 4.25
C CYS A 20 0.04 -1.36 4.06
N THR A 21 -0.71 -2.20 3.39
CA THR A 21 -0.37 -3.58 3.20
C THR A 21 0.20 -3.85 1.82
N PHE A 22 1.24 -4.67 1.79
CA PHE A 22 1.90 -5.08 0.57
C PHE A 22 2.35 -3.89 -0.29
N LYS A 23 2.76 -2.81 0.37
CA LYS A 23 3.24 -1.62 -0.33
C LYS A 23 4.52 -1.91 -1.08
N GLU A 24 5.31 -2.76 -0.50
CA GLU A 24 6.58 -3.17 -1.06
C GLU A 24 6.59 -4.68 -1.31
N ASN A 25 7.07 -5.07 -2.50
CA ASN A 25 7.05 -6.46 -2.92
C ASN A 25 8.00 -7.31 -2.08
N GLU A 26 8.98 -6.66 -1.46
CA GLU A 26 9.95 -7.35 -0.62
C GLU A 26 9.29 -8.01 0.59
N ASN A 27 8.07 -7.57 0.92
CA ASN A 27 7.33 -8.11 2.05
C ASN A 27 6.47 -9.29 1.62
N GLY A 28 6.63 -9.70 0.37
CA GLY A 28 5.86 -10.79 -0.18
C GLY A 28 5.61 -10.59 -1.65
N ASN A 29 4.48 -9.98 -1.98
CA ASN A 29 4.15 -9.62 -3.35
C ASN A 29 3.38 -8.32 -3.36
N THR A 30 3.38 -7.66 -4.50
CA THR A 30 2.68 -6.40 -4.64
C THR A 30 1.30 -6.63 -5.20
N VAL A 31 0.41 -6.97 -4.31
CA VAL A 31 -0.94 -7.34 -4.67
C VAL A 31 -1.85 -6.12 -4.67
N LYS A 32 -2.22 -5.71 -3.48
CA LYS A 32 -3.05 -4.55 -3.30
C LYS A 32 -2.20 -3.31 -3.19
N ARG A 33 -1.08 -3.48 -2.49
CA ARG A 33 -0.11 -2.41 -2.28
C ARG A 33 -0.76 -1.25 -1.50
N CYS A 34 -1.84 -1.56 -0.78
CA CYS A 34 -2.63 -0.59 -0.07
C CYS A 34 -3.24 -1.27 1.12
#